data_3UUN
#
_entry.id   3UUN
#
_cell.length_a   76.040
_cell.length_b   76.040
_cell.length_c   66.490
_cell.angle_alpha   90.00
_cell.angle_beta   90.00
_cell.angle_gamma   120.00
#
_symmetry.space_group_name_H-M   'P 32 2 1'
#
loop_
_entity.id
_entity.type
_entity.pdbx_description
1 polymer Dystrophin
2 water water
#
_entity_poly.entity_id   1
_entity_poly.type   'polypeptide(L)'
_entity_poly.pdbx_seq_one_letter_code
;EVNLDRYQTALEEVLSWLLSAEDTLQAQGEISNDVEVVKDQFHTHEGYMMDLTAHQGRVGNILQLGSKLIGTGKLSEDEE
TEVQEQMNLLNSRWECLRVASMEKQSNLHRVLMDLQNQK
;
_entity_poly.pdbx_strand_id   A,B
#
# COMPACT_ATOMS: atom_id res chain seq x y z
N GLU A 1 15.46 22.56 -16.37
CA GLU A 1 14.15 23.11 -15.85
C GLU A 1 12.99 22.45 -16.58
N VAL A 2 13.19 22.18 -17.87
CA VAL A 2 12.23 21.39 -18.65
C VAL A 2 12.33 19.94 -18.28
N ASN A 3 13.47 19.52 -17.77
CA ASN A 3 13.61 18.17 -17.24
C ASN A 3 12.67 18.09 -16.04
N LEU A 4 12.90 18.99 -15.09
CA LEU A 4 12.12 19.04 -13.85
C LEU A 4 10.63 19.23 -14.10
N ASP A 5 10.27 19.80 -15.26
CA ASP A 5 8.87 19.86 -15.64
C ASP A 5 8.35 18.60 -16.37
N ARG A 6 9.16 18.00 -17.25
CA ARG A 6 8.72 16.79 -17.96
C ARG A 6 8.53 15.65 -16.94
N TYR A 7 9.50 15.46 -16.05
CA TYR A 7 9.37 14.57 -14.88
C TYR A 7 8.05 14.74 -14.07
N GLN A 8 7.80 15.98 -13.64
CA GLN A 8 6.69 16.26 -12.74
C GLN A 8 5.37 16.05 -13.46
N THR A 9 5.38 16.19 -14.77
CA THR A 9 4.19 15.93 -15.53
C THR A 9 3.88 14.45 -15.61
N ALA A 10 4.91 13.63 -15.88
CA ALA A 10 4.76 12.18 -15.88
C ALA A 10 4.45 11.66 -14.46
N LEU A 11 4.93 12.35 -13.44
CA LEU A 11 4.73 11.85 -12.09
C LEU A 11 3.26 11.98 -11.72
N GLU A 12 2.63 13.10 -12.05
CA GLU A 12 1.23 13.25 -11.66
C GLU A 12 0.37 12.25 -12.41
N GLU A 13 0.71 12.05 -13.67
CA GLU A 13 0.02 11.08 -14.50
C GLU A 13 0.09 9.67 -13.94
N VAL A 14 1.30 9.19 -13.61
CA VAL A 14 1.48 7.78 -13.13
C VAL A 14 0.88 7.68 -11.76
N LEU A 15 1.05 8.73 -10.96
CA LEU A 15 0.59 8.73 -9.57
C LEU A 15 -0.95 8.62 -9.55
N SER A 16 -1.59 9.50 -10.33
CA SER A 16 -3.04 9.49 -10.53
C SER A 16 -3.53 8.11 -10.98
N TRP A 17 -2.78 7.49 -11.91
CA TRP A 17 -3.12 6.19 -12.49
C TRP A 17 -3.04 5.14 -11.41
N LEU A 18 -2.05 5.32 -10.57
CA LEU A 18 -1.83 4.42 -9.45
C LEU A 18 -2.98 4.52 -8.47
N LEU A 19 -3.46 5.72 -8.11
CA LEU A 19 -4.64 5.75 -7.23
C LEU A 19 -5.84 5.07 -7.91
N SER A 20 -6.00 5.28 -9.23
CA SER A 20 -7.11 4.68 -9.99
C SER A 20 -7.09 3.16 -10.05
N ALA A 21 -5.93 2.61 -10.26
CA ALA A 21 -5.74 1.17 -10.29
C ALA A 21 -5.97 0.51 -8.91
N GLU A 22 -5.61 1.21 -7.84
CA GLU A 22 -6.00 0.85 -6.47
C GLU A 22 -7.52 0.81 -6.37
N ASP A 23 -8.15 1.91 -6.81
CA ASP A 23 -9.64 2.07 -6.84
C ASP A 23 -10.31 0.89 -7.48
N THR A 24 -9.72 0.47 -8.59
CA THR A 24 -10.23 -0.63 -9.37
C THR A 24 -10.12 -1.92 -8.63
N LEU A 25 -8.95 -2.15 -8.05
CA LEU A 25 -8.71 -3.40 -7.31
C LEU A 25 -9.64 -3.54 -6.11
N GLN A 26 -9.88 -2.42 -5.43
CA GLN A 26 -10.72 -2.41 -4.19
C GLN A 26 -12.22 -2.37 -4.50
N ALA A 27 -12.59 -2.05 -5.73
CA ALA A 27 -13.97 -2.19 -6.19
C ALA A 27 -14.27 -3.61 -6.62
N GLN A 28 -13.26 -4.33 -7.12
CA GLN A 28 -13.45 -5.71 -7.62
C GLN A 28 -14.15 -6.57 -6.57
N GLY A 29 -13.90 -6.28 -5.29
CA GLY A 29 -14.63 -6.93 -4.22
C GLY A 29 -14.02 -8.29 -3.90
N GLU A 30 -14.91 -9.28 -3.67
CA GLU A 30 -14.52 -10.67 -3.33
C GLU A 30 -14.62 -11.58 -4.56
N ILE A 31 -13.84 -12.66 -4.55
CA ILE A 31 -13.81 -13.64 -5.63
C ILE A 31 -15.08 -14.48 -5.54
N SER A 32 -15.61 -14.89 -6.69
CA SER A 32 -16.93 -15.50 -6.73
C SER A 32 -16.92 -16.93 -6.18
N ASN A 33 -18.03 -17.30 -5.53
CA ASN A 33 -18.31 -18.71 -5.27
C ASN A 33 -18.65 -19.43 -6.59
N ASP A 34 -19.36 -18.70 -7.46
CA ASP A 34 -19.76 -19.16 -8.80
C ASP A 34 -18.51 -19.33 -9.63
N VAL A 35 -18.19 -20.57 -10.09
CA VAL A 35 -17.00 -20.80 -10.95
C VAL A 35 -17.08 -20.03 -12.27
N GLU A 36 -18.31 -19.67 -12.67
CA GLU A 36 -18.53 -18.94 -13.92
C GLU A 36 -18.08 -17.48 -13.86
N VAL A 37 -18.51 -16.74 -12.83
CA VAL A 37 -17.98 -15.38 -12.59
C VAL A 37 -16.45 -15.40 -12.33
N VAL A 38 -16.00 -16.33 -11.51
CA VAL A 38 -14.56 -16.49 -11.25
C VAL A 38 -13.70 -16.52 -12.53
N LYS A 39 -14.16 -17.23 -13.55
CA LYS A 39 -13.34 -17.35 -14.76
C LYS A 39 -13.23 -16.05 -15.50
N ASP A 40 -14.33 -15.32 -15.49
CA ASP A 40 -14.41 -13.98 -16.03
C ASP A 40 -13.47 -13.11 -15.22
N GLN A 41 -13.67 -13.11 -13.90
CA GLN A 41 -12.81 -12.31 -12.98
C GLN A 41 -11.34 -12.59 -13.24
N PHE A 42 -11.02 -13.88 -13.47
CA PHE A 42 -9.65 -14.33 -13.72
C PHE A 42 -9.09 -13.80 -15.01
N HIS A 43 -9.83 -13.94 -16.09
CA HIS A 43 -9.41 -13.43 -17.41
C HIS A 43 -9.36 -11.87 -17.50
N THR A 44 -10.26 -11.19 -16.76
CA THR A 44 -10.19 -9.74 -16.53
C THR A 44 -8.91 -9.31 -15.79
N HIS A 45 -8.64 -9.94 -14.64
CA HIS A 45 -7.42 -9.64 -13.87
C HIS A 45 -6.13 -9.89 -14.68
N GLU A 46 -6.12 -10.90 -15.57
CA GLU A 46 -4.96 -11.12 -16.45
CA GLU A 46 -5.01 -11.15 -16.53
C GLU A 46 -4.66 -9.93 -17.39
N GLY A 47 -5.70 -9.24 -17.88
CA GLY A 47 -5.61 -7.95 -18.58
C GLY A 47 -5.17 -6.83 -17.65
N TYR A 48 -5.57 -6.94 -16.40
CA TYR A 48 -5.11 -6.01 -15.35
C TYR A 48 -3.59 -6.08 -15.05
N MET A 49 -3.09 -7.31 -15.04
CA MET A 49 -1.67 -7.55 -14.85
C MET A 49 -0.86 -7.14 -16.13
N MET A 50 -1.45 -7.26 -17.33
CA MET A 50 -0.84 -6.74 -18.55
C MET A 50 -0.70 -5.24 -18.48
N ASP A 51 -1.81 -4.59 -18.10
CA ASP A 51 -1.82 -3.20 -17.87
C ASP A 51 -0.83 -2.80 -16.78
N LEU A 52 -0.87 -3.49 -15.63
CA LEU A 52 0.15 -3.27 -14.54
C LEU A 52 1.62 -3.22 -15.01
N THR A 53 1.97 -4.21 -15.81
CA THR A 53 3.33 -4.40 -16.35
C THR A 53 3.79 -3.23 -17.17
N ALA A 54 2.91 -2.76 -18.02
CA ALA A 54 3.20 -1.58 -18.89
C ALA A 54 3.45 -0.35 -18.05
N HIS A 55 2.64 -0.18 -17.01
CA HIS A 55 2.79 1.01 -16.13
C HIS A 55 3.94 0.88 -15.19
N GLN A 56 4.39 -0.37 -14.96
CA GLN A 56 5.65 -0.63 -14.25
C GLN A 56 6.83 0.00 -15.01
N GLY A 57 6.76 0.08 -16.33
CA GLY A 57 7.82 0.73 -17.15
C GLY A 57 7.84 2.24 -16.97
N ARG A 58 6.67 2.80 -16.69
CA ARG A 58 6.52 4.24 -16.54
C ARG A 58 7.05 4.60 -15.16
N VAL A 59 6.73 3.76 -14.17
CA VAL A 59 7.15 4.03 -12.81
C VAL A 59 8.66 4.05 -12.77
N GLY A 60 9.28 3.05 -13.38
CA GLY A 60 10.75 3.03 -13.44
C GLY A 60 11.37 4.19 -14.21
N ASN A 61 10.76 4.55 -15.32
CA ASN A 61 11.20 5.70 -16.05
C ASN A 61 11.22 6.95 -15.17
N ILE A 62 10.15 7.19 -14.43
CA ILE A 62 10.10 8.37 -13.51
C ILE A 62 11.09 8.27 -12.38
N LEU A 63 11.40 7.02 -11.99
CA LEU A 63 12.40 6.76 -10.96
C LEU A 63 13.79 7.09 -11.50
N GLN A 64 14.00 6.83 -12.80
CA GLN A 64 15.27 7.14 -13.43
C GLN A 64 15.41 8.65 -13.53
N LEU A 65 14.42 9.29 -14.08
CA LEU A 65 14.40 10.75 -14.23
C LEU A 65 14.56 11.50 -12.92
N GLY A 66 13.78 11.10 -11.94
CA GLY A 66 13.87 11.67 -10.58
C GLY A 66 15.28 11.62 -10.02
N SER A 67 15.80 10.41 -9.92
CA SER A 67 17.23 10.15 -9.49
C SER A 67 18.32 10.95 -10.20
N LYS A 68 18.28 10.96 -11.52
CA LYS A 68 19.22 11.74 -12.31
C LYS A 68 19.11 13.23 -12.03
N LEU A 69 17.89 13.70 -11.78
CA LEU A 69 17.70 15.10 -11.45
C LEU A 69 18.51 15.37 -10.15
N ILE A 70 18.24 14.59 -9.10
CA ILE A 70 18.96 14.69 -7.83
C ILE A 70 20.46 14.63 -8.11
N GLY A 71 20.86 13.59 -8.85
CA GLY A 71 22.25 13.35 -9.19
C GLY A 71 23.03 14.45 -9.90
N THR A 72 22.36 15.26 -10.74
CA THR A 72 23.05 16.36 -11.45
C THR A 72 23.68 17.39 -10.50
N GLY A 73 23.15 17.48 -9.27
CA GLY A 73 23.55 18.45 -8.26
C GLY A 73 22.94 19.81 -8.52
N LYS A 74 22.09 19.88 -9.55
CA LYS A 74 21.65 21.15 -10.09
C LYS A 74 20.30 21.59 -9.52
N LEU A 75 19.77 20.83 -8.58
CA LEU A 75 18.51 21.18 -7.94
C LEU A 75 18.80 21.97 -6.66
N SER A 76 17.92 22.94 -6.36
CA SER A 76 18.01 23.64 -5.10
C SER A 76 17.66 22.73 -3.93
N GLU A 77 18.00 23.14 -2.71
CA GLU A 77 17.54 22.45 -1.49
C GLU A 77 16.11 21.92 -1.60
N ASP A 78 15.13 22.82 -1.74
CA ASP A 78 13.71 22.47 -1.69
C ASP A 78 13.31 21.50 -2.81
N GLU A 79 13.80 21.81 -4.01
CA GLU A 79 13.58 21.01 -5.22
C GLU A 79 14.00 19.57 -5.02
N GLU A 80 15.12 19.40 -4.34
CA GLU A 80 15.67 18.06 -4.07
C GLU A 80 14.84 17.31 -3.06
N THR A 81 14.57 17.96 -1.93
CA THR A 81 13.68 17.43 -0.92
C THR A 81 12.43 16.92 -1.61
N GLU A 82 11.78 17.77 -2.39
CA GLU A 82 10.54 17.38 -3.07
C GLU A 82 10.68 16.18 -4.02
N VAL A 83 11.70 16.16 -4.88
CA VAL A 83 11.87 15.05 -5.81
C VAL A 83 12.05 13.77 -4.99
N GLN A 84 12.67 13.91 -3.82
CA GLN A 84 12.94 12.82 -2.88
C GLN A 84 11.67 12.29 -2.22
N GLU A 85 10.79 13.19 -1.81
CA GLU A 85 9.52 12.78 -1.23
C GLU A 85 8.65 12.07 -2.26
N GLN A 86 8.74 12.55 -3.52
CA GLN A 86 7.89 12.11 -4.63
C GLN A 86 8.25 10.68 -5.00
N MET A 87 9.51 10.36 -4.89
CA MET A 87 9.95 9.03 -5.19
C MET A 87 9.78 8.03 -4.10
N ASN A 88 9.80 8.48 -2.86
CA ASN A 88 9.30 7.66 -1.77
C ASN A 88 7.88 7.27 -2.16
N LEU A 89 7.03 8.29 -2.48
CA LEU A 89 5.59 8.08 -2.66
C LEU A 89 5.38 7.13 -3.83
N LEU A 90 5.99 7.48 -4.96
CA LEU A 90 6.00 6.59 -6.11
C LEU A 90 6.51 5.18 -5.73
N ASN A 91 7.63 5.06 -5.04
CA ASN A 91 8.01 3.72 -4.62
C ASN A 91 6.97 3.03 -3.74
N SER A 92 6.48 3.73 -2.75
CA SER A 92 5.65 3.07 -1.80
C SER A 92 4.27 2.80 -2.36
N ARG A 93 3.75 3.69 -3.19
CA ARG A 93 2.43 3.45 -3.70
C ARG A 93 2.40 2.36 -4.74
N TRP A 94 3.45 2.30 -5.55
CA TRP A 94 3.63 1.24 -6.52
C TRP A 94 3.69 -0.14 -5.88
N GLU A 95 4.54 -0.27 -4.86
CA GLU A 95 4.75 -1.54 -4.20
C GLU A 95 3.50 -2.02 -3.51
N CYS A 96 2.78 -1.08 -2.90
CA CYS A 96 1.50 -1.45 -2.30
C CYS A 96 0.50 -2.06 -3.32
N LEU A 97 0.43 -1.49 -4.52
CA LEU A 97 -0.49 -2.01 -5.55
C LEU A 97 0.05 -3.29 -6.14
N ARG A 98 1.34 -3.28 -6.41
CA ARG A 98 1.98 -4.41 -7.06
C ARG A 98 1.77 -5.68 -6.22
N VAL A 99 1.98 -5.61 -4.89
CA VAL A 99 1.69 -6.73 -3.93
C VAL A 99 0.24 -7.23 -3.87
N ALA A 100 -0.73 -6.32 -3.82
CA ALA A 100 -2.17 -6.70 -3.79
C ALA A 100 -2.61 -7.32 -5.07
N SER A 101 -2.08 -6.80 -6.20
CA SER A 101 -2.35 -7.34 -7.56
C SER A 101 -1.78 -8.72 -7.72
N MET A 102 -0.66 -8.97 -7.10
CA MET A 102 -0.06 -10.29 -7.12
CA MET A 102 -0.05 -10.30 -7.11
C MET A 102 -0.82 -11.29 -6.21
N GLU A 103 -1.25 -10.84 -5.03
CA GLU A 103 -2.15 -11.64 -4.17
C GLU A 103 -3.39 -12.09 -4.94
N LYS A 104 -4.05 -11.10 -5.55
CA LYS A 104 -5.30 -11.32 -6.23
C LYS A 104 -5.12 -12.33 -7.32
N GLN A 105 -4.04 -12.19 -8.09
CA GLN A 105 -3.72 -13.09 -9.20
C GLN A 105 -3.57 -14.50 -8.68
N SER A 106 -2.86 -14.64 -7.58
CA SER A 106 -2.71 -15.91 -6.91
C SER A 106 -3.99 -16.47 -6.34
N ASN A 107 -4.74 -15.65 -5.62
CA ASN A 107 -5.99 -16.14 -5.07
C ASN A 107 -6.91 -16.57 -6.25
N LEU A 108 -7.05 -15.71 -7.26
CA LEU A 108 -7.89 -16.05 -8.43
C LEU A 108 -7.50 -17.34 -9.11
N HIS A 109 -6.21 -17.48 -9.37
CA HIS A 109 -5.73 -18.69 -10.05
C HIS A 109 -5.89 -19.92 -9.15
N ARG A 110 -5.64 -19.76 -7.85
CA ARG A 110 -5.83 -20.87 -6.92
C ARG A 110 -7.28 -21.34 -6.86
N VAL A 111 -8.21 -20.39 -6.78
CA VAL A 111 -9.64 -20.74 -6.70
C VAL A 111 -10.21 -21.29 -7.98
N LEU A 112 -9.46 -21.26 -9.08
CA LEU A 112 -9.95 -21.76 -10.36
C LEU A 112 -9.35 -23.12 -10.68
N MET A 113 -8.10 -23.32 -10.25
CA MET A 113 -7.48 -24.62 -10.29
C MET A 113 -8.28 -25.59 -9.43
N ASP A 114 -8.83 -25.08 -8.31
CA ASP A 114 -9.84 -25.80 -7.52
C ASP A 114 -11.10 -26.14 -8.33
N LEU A 115 -11.89 -25.12 -8.63
CA LEU A 115 -13.31 -25.26 -8.95
C LEU A 115 -13.59 -25.54 -10.42
N GLN A 116 -12.94 -24.78 -11.31
CA GLN A 116 -13.15 -24.93 -12.77
C GLN A 116 -12.79 -26.35 -13.22
N VAL B 2 -16.70 -22.92 15.33
CA VAL B 2 -16.83 -21.58 14.67
C VAL B 2 -16.58 -20.44 15.65
N ASN B 3 -15.33 -20.29 16.08
CA ASN B 3 -14.83 -19.00 16.59
C ASN B 3 -14.58 -18.03 15.41
N LEU B 4 -14.93 -18.45 14.19
CA LEU B 4 -14.57 -17.76 12.97
C LEU B 4 -15.37 -16.48 12.71
N ASP B 5 -16.61 -16.43 13.21
CA ASP B 5 -17.37 -15.18 13.24
C ASP B 5 -16.68 -14.12 14.10
N ARG B 6 -16.36 -14.47 15.34
CA ARG B 6 -15.56 -13.59 16.20
C ARG B 6 -14.28 -13.14 15.44
N TYR B 7 -13.43 -14.10 15.08
CA TYR B 7 -12.19 -13.80 14.39
C TYR B 7 -12.38 -12.83 13.24
N GLN B 8 -13.39 -13.11 12.40
CA GLN B 8 -13.71 -12.31 11.23
C GLN B 8 -14.08 -10.87 11.60
N THR B 9 -14.98 -10.73 12.56
CA THR B 9 -15.37 -9.38 12.98
C THR B 9 -14.24 -8.63 13.71
N ALA B 10 -13.36 -9.35 14.41
CA ALA B 10 -12.15 -8.72 14.99
C ALA B 10 -11.17 -8.18 13.90
N LEU B 11 -10.94 -9.03 12.90
CA LEU B 11 -10.20 -8.66 11.72
C LEU B 11 -10.80 -7.41 11.11
N GLU B 12 -12.13 -7.35 11.04
CA GLU B 12 -12.82 -6.20 10.43
C GLU B 12 -12.71 -4.93 11.25
N GLU B 13 -12.57 -5.03 12.58
CA GLU B 13 -12.41 -3.82 13.38
C GLU B 13 -11.02 -3.24 13.15
N VAL B 14 -10.03 -4.13 13.14
CA VAL B 14 -8.65 -3.71 12.95
C VAL B 14 -8.50 -3.04 11.60
N LEU B 15 -9.09 -3.64 10.57
CA LEU B 15 -9.09 -3.04 9.24
C LEU B 15 -9.66 -1.62 9.19
N SER B 16 -10.76 -1.38 9.85
CA SER B 16 -11.28 -0.02 9.92
C SER B 16 -10.39 0.94 10.68
N TRP B 17 -9.91 0.51 11.85
CA TRP B 17 -8.86 1.22 12.60
C TRP B 17 -7.73 1.74 11.64
N LEU B 18 -7.24 0.85 10.77
CA LEU B 18 -6.18 1.13 9.80
C LEU B 18 -6.59 2.15 8.73
N LEU B 19 -7.82 2.01 8.21
CA LEU B 19 -8.33 2.91 7.21
C LEU B 19 -8.30 4.34 7.76
N SER B 20 -8.55 4.48 9.06
CA SER B 20 -8.61 5.80 9.63
C SER B 20 -7.20 6.31 9.90
N ALA B 21 -6.32 5.40 10.34
CA ALA B 21 -4.91 5.73 10.53
C ALA B 21 -4.33 6.31 9.26
N GLU B 22 -4.72 5.76 8.13
CA GLU B 22 -4.25 6.25 6.82
C GLU B 22 -4.82 7.64 6.51
N ASP B 23 -6.08 7.78 6.83
CA ASP B 23 -6.71 9.07 6.71
C ASP B 23 -5.92 10.09 7.47
N THR B 24 -5.58 9.78 8.72
CA THR B 24 -4.88 10.71 9.56
C THR B 24 -3.51 11.08 9.03
N LEU B 25 -2.79 10.06 8.54
CA LEU B 25 -1.46 10.27 7.96
C LEU B 25 -1.59 11.24 6.77
N GLN B 26 -2.55 10.93 5.95
CA GLN B 26 -2.86 11.75 4.78
C GLN B 26 -3.20 13.20 5.13
N ALA B 27 -3.91 13.45 6.22
CA ALA B 27 -4.40 14.81 6.47
C ALA B 27 -3.32 15.64 7.16
N GLN B 28 -2.17 15.03 7.43
CA GLN B 28 -0.99 15.80 7.80
C GLN B 28 -0.51 16.66 6.63
N GLY B 29 -0.66 16.13 5.42
CA GLY B 29 -0.33 16.87 4.22
C GLY B 29 1.16 17.03 3.98
N GLU B 30 1.57 18.18 3.44
CA GLU B 30 2.95 18.44 3.05
C GLU B 30 3.73 18.93 4.23
N ILE B 31 5.03 18.66 4.20
CA ILE B 31 5.96 19.16 5.20
C ILE B 31 6.27 20.60 4.88
N SER B 32 6.25 21.45 5.89
CA SER B 32 6.29 22.88 5.64
C SER B 32 7.68 23.37 5.28
N ASN B 33 7.75 24.65 4.89
CA ASN B 33 9.00 25.40 4.63
C ASN B 33 9.49 26.11 5.88
N ASP B 34 8.56 26.42 6.78
CA ASP B 34 8.91 27.09 7.99
C ASP B 34 9.43 26.04 8.96
N VAL B 35 10.66 26.25 9.44
CA VAL B 35 11.37 25.27 10.29
C VAL B 35 10.70 25.03 11.64
N GLU B 36 10.08 26.06 12.19
CA GLU B 36 9.39 25.92 13.47
C GLU B 36 8.10 25.11 13.32
N VAL B 37 7.46 25.24 12.15
CA VAL B 37 6.28 24.45 11.77
C VAL B 37 6.64 22.98 11.50
N VAL B 38 7.80 22.75 10.89
CA VAL B 38 8.31 21.38 10.71
C VAL B 38 8.59 20.67 12.04
N LYS B 39 9.04 21.42 13.04
CA LYS B 39 9.26 20.92 14.42
C LYS B 39 8.00 20.41 15.07
N ASP B 40 6.91 21.15 14.85
CA ASP B 40 5.58 20.79 15.34
C ASP B 40 4.99 19.62 14.59
N GLN B 41 5.12 19.65 13.26
CA GLN B 41 4.72 18.56 12.38
C GLN B 41 5.43 17.24 12.71
N PHE B 42 6.71 17.34 13.04
CA PHE B 42 7.53 16.21 13.52
C PHE B 42 7.05 15.59 14.83
N HIS B 43 6.78 16.43 15.83
CA HIS B 43 6.32 15.90 17.11
C HIS B 43 4.91 15.34 17.01
N THR B 44 4.08 15.93 16.15
CA THR B 44 2.78 15.36 15.86
C THR B 44 2.97 13.99 15.24
N HIS B 45 3.98 13.83 14.40
CA HIS B 45 4.16 12.55 13.77
C HIS B 45 4.73 11.57 14.79
N GLU B 46 5.56 12.05 15.70
CA GLU B 46 6.13 11.10 16.64
C GLU B 46 5.04 10.46 17.56
N GLY B 47 4.04 11.23 18.00
CA GLY B 47 2.88 10.66 18.75
C GLY B 47 2.15 9.64 17.91
N TYR B 48 1.95 10.02 16.63
CA TYR B 48 1.29 9.24 15.61
C TYR B 48 1.99 7.88 15.42
N MET B 49 3.32 7.90 15.35
CA MET B 49 4.16 6.67 15.33
C MET B 49 4.12 5.89 16.67
N MET B 50 3.93 6.52 17.81
CA MET B 50 3.80 5.68 19.04
C MET B 50 2.41 5.02 18.98
N ASP B 51 1.41 5.77 18.54
CA ASP B 51 0.08 5.20 18.34
C ASP B 51 0.06 4.00 17.42
N LEU B 52 0.85 4.05 16.37
CA LEU B 52 0.88 2.95 15.35
C LEU B 52 1.48 1.63 15.87
N THR B 53 2.35 1.72 16.88
CA THR B 53 2.85 0.55 17.65
C THR B 53 1.66 -0.29 18.11
N ALA B 54 0.59 0.39 18.53
CA ALA B 54 -0.63 -0.28 18.98
C ALA B 54 -1.43 -0.85 17.80
N HIS B 55 -1.42 -0.11 16.70
CA HIS B 55 -2.01 -0.62 15.44
C HIS B 55 -1.24 -1.85 15.02
N GLN B 56 0.09 -1.77 15.19
CA GLN B 56 1.00 -2.88 14.92
C GLN B 56 0.75 -4.09 15.77
N GLY B 57 0.53 -3.88 17.06
CA GLY B 57 0.22 -4.99 17.93
C GLY B 57 -1.17 -5.57 17.69
N ARG B 58 -2.15 -4.75 17.34
CA ARG B 58 -3.47 -5.31 16.95
C ARG B 58 -3.46 -6.20 15.72
N VAL B 59 -2.72 -5.81 14.68
CA VAL B 59 -2.52 -6.61 13.46
C VAL B 59 -1.85 -7.91 13.86
N GLY B 60 -0.84 -7.85 14.73
CA GLY B 60 -0.21 -9.08 15.22
C GLY B 60 -1.14 -10.07 15.91
N ASN B 61 -1.93 -9.53 16.84
CA ASN B 61 -2.94 -10.28 17.50
C ASN B 61 -3.76 -11.09 16.49
N ILE B 62 -4.33 -10.42 15.50
CA ILE B 62 -5.18 -11.09 14.50
C ILE B 62 -4.47 -12.17 13.68
N LEU B 63 -3.26 -11.86 13.21
CA LEU B 63 -2.43 -12.89 12.53
C LEU B 63 -2.12 -14.04 13.45
N GLN B 64 -1.84 -13.73 14.70
CA GLN B 64 -1.61 -14.81 15.62
C GLN B 64 -2.86 -15.67 15.82
N LEU B 65 -4.01 -15.04 16.07
CA LEU B 65 -5.28 -15.81 16.29
C LEU B 65 -5.58 -16.67 15.06
N GLY B 66 -5.46 -16.09 13.89
CA GLY B 66 -5.66 -16.84 12.66
C GLY B 66 -4.74 -18.04 12.51
N SER B 67 -3.45 -17.86 12.83
CA SER B 67 -2.54 -19.00 12.87
C SER B 67 -3.00 -20.12 13.80
N LYS B 68 -3.21 -19.78 15.07
CA LYS B 68 -3.73 -20.70 16.11
C LYS B 68 -4.99 -21.47 15.71
N LEU B 69 -5.92 -20.78 15.06
CA LEU B 69 -7.08 -21.42 14.44
C LEU B 69 -6.72 -22.45 13.41
N ILE B 70 -5.96 -22.05 12.40
CA ILE B 70 -5.69 -22.97 11.30
C ILE B 70 -5.15 -24.24 11.97
N GLY B 71 -4.26 -24.04 12.93
CA GLY B 71 -3.54 -25.11 13.57
C GLY B 71 -4.26 -25.84 14.69
N THR B 72 -5.54 -25.54 14.91
CA THR B 72 -6.37 -26.41 15.79
C THR B 72 -6.61 -27.75 15.15
N GLY B 73 -6.66 -27.75 13.81
CA GLY B 73 -7.00 -28.93 13.04
C GLY B 73 -8.50 -29.02 12.78
N LYS B 74 -9.31 -28.23 13.48
CA LYS B 74 -10.78 -28.39 13.46
C LYS B 74 -11.49 -27.59 12.33
N LEU B 75 -10.71 -27.10 11.37
CA LEU B 75 -11.18 -26.21 10.30
C LEU B 75 -11.30 -26.97 8.98
N SER B 76 -12.27 -26.60 8.15
CA SER B 76 -12.34 -27.14 6.78
C SER B 76 -11.08 -26.75 6.01
N GLU B 77 -10.69 -27.60 5.06
CA GLU B 77 -9.63 -27.25 4.10
C GLU B 77 -9.89 -25.86 3.51
N ASP B 78 -11.17 -25.56 3.30
CA ASP B 78 -11.61 -24.25 2.81
C ASP B 78 -11.47 -23.17 3.88
N GLU B 79 -11.96 -23.43 5.09
CA GLU B 79 -11.87 -22.40 6.13
C GLU B 79 -10.41 -22.00 6.43
N GLU B 80 -9.46 -22.92 6.19
CA GLU B 80 -8.03 -22.67 6.48
C GLU B 80 -7.40 -21.69 5.50
N THR B 81 -7.61 -21.98 4.24
CA THR B 81 -7.18 -21.11 3.17
C THR B 81 -7.84 -19.75 3.26
N GLU B 82 -9.10 -19.70 3.71
CA GLU B 82 -9.81 -18.44 3.84
C GLU B 82 -9.31 -17.55 4.97
N VAL B 83 -9.01 -18.18 6.09
CA VAL B 83 -8.31 -17.53 7.18
C VAL B 83 -6.94 -17.08 6.70
N GLN B 84 -6.30 -17.88 5.87
CA GLN B 84 -4.98 -17.55 5.38
C GLN B 84 -4.94 -16.32 4.43
N GLU B 85 -5.94 -16.22 3.54
CA GLU B 85 -6.08 -15.02 2.67
C GLU B 85 -6.39 -13.73 3.44
N GLN B 86 -7.33 -13.81 4.38
CA GLN B 86 -7.64 -12.69 5.29
C GLN B 86 -6.41 -12.26 6.06
N MET B 87 -5.57 -13.21 6.51
CA MET B 87 -4.36 -12.85 7.26
C MET B 87 -3.47 -11.99 6.36
N ASN B 88 -3.31 -12.45 5.13
CA ASN B 88 -2.52 -11.72 4.11
C ASN B 88 -3.03 -10.39 3.63
N LEU B 89 -4.34 -10.26 3.60
CA LEU B 89 -4.99 -9.01 3.20
C LEU B 89 -4.80 -7.98 4.31
N LEU B 90 -4.98 -8.40 5.53
CA LEU B 90 -4.79 -7.49 6.61
C LEU B 90 -3.32 -7.08 6.60
N ASN B 91 -2.47 -8.08 6.56
CA ASN B 91 -1.01 -7.88 6.56
C ASN B 91 -0.58 -6.96 5.41
N SER B 92 -1.18 -7.16 4.22
CA SER B 92 -0.82 -6.29 3.13
C SER B 92 -1.19 -4.84 3.40
N ARG B 93 -2.34 -4.64 4.02
CA ARG B 93 -2.89 -3.32 4.18
C ARG B 93 -2.13 -2.69 5.33
N TRP B 94 -1.91 -3.43 6.41
CA TRP B 94 -1.02 -2.95 7.46
C TRP B 94 0.36 -2.49 6.89
N GLU B 95 0.96 -3.24 5.98
CA GLU B 95 2.29 -2.90 5.54
C GLU B 95 2.29 -1.62 4.68
N CYS B 96 1.26 -1.42 3.86
CA CYS B 96 1.16 -0.20 3.03
C CYS B 96 1.13 1.00 3.93
N LEU B 97 0.35 0.91 5.01
CA LEU B 97 0.30 2.00 6.00
C LEU B 97 1.60 2.24 6.77
N ARG B 98 2.23 1.14 7.22
CA ARG B 98 3.46 1.16 8.00
C ARG B 98 4.58 1.82 7.21
N VAL B 99 4.79 1.37 5.96
CA VAL B 99 5.80 1.97 5.05
C VAL B 99 5.57 3.45 4.84
N ALA B 100 4.37 3.83 4.45
CA ALA B 100 3.99 5.27 4.29
C ALA B 100 4.20 6.07 5.56
N SER B 101 3.82 5.49 6.69
CA SER B 101 4.07 6.14 7.97
C SER B 101 5.60 6.27 8.24
N MET B 102 6.37 5.26 7.89
CA MET B 102 7.82 5.39 7.89
C MET B 102 8.39 6.43 6.89
N GLU B 103 7.80 6.60 5.71
CA GLU B 103 8.32 7.58 4.73
C GLU B 103 8.03 9.04 5.17
N LYS B 104 6.88 9.22 5.79
CA LYS B 104 6.54 10.53 6.27
C LYS B 104 7.51 10.95 7.38
N GLN B 105 7.86 10.03 8.27
CA GLN B 105 8.92 10.21 9.27
C GLN B 105 10.26 10.54 8.64
N SER B 106 10.67 9.73 7.67
CA SER B 106 11.89 9.96 6.89
C SER B 106 11.89 11.31 6.17
N ASN B 107 10.72 11.73 5.68
CA ASN B 107 10.62 13.00 4.97
C ASN B 107 10.78 14.18 5.94
N LEU B 108 10.39 13.93 7.18
CA LEU B 108 10.39 14.94 8.22
C LEU B 108 11.81 15.10 8.74
N HIS B 109 12.52 14.00 9.00
CA HIS B 109 13.96 14.08 9.34
C HIS B 109 14.85 14.78 8.29
N ARG B 110 14.50 14.65 7.01
CA ARG B 110 15.31 15.19 5.89
C ARG B 110 15.18 16.69 5.74
N VAL B 111 13.95 17.18 5.96
CA VAL B 111 13.68 18.61 5.90
C VAL B 111 14.21 19.28 7.15
N LEU B 112 14.31 18.50 8.23
CA LEU B 112 14.95 18.95 9.48
C LEU B 112 16.46 19.09 9.32
N MET B 113 17.08 18.11 8.67
CA MET B 113 18.48 18.26 8.21
C MET B 113 18.68 19.62 7.51
N ASP B 114 18.00 19.83 6.38
CA ASP B 114 18.13 21.09 5.59
C ASP B 114 17.98 22.33 6.48
N LEU B 115 17.10 22.26 7.47
CA LEU B 115 16.75 23.39 8.31
C LEU B 115 17.19 23.10 9.74
#